data_6EK1
#
_entry.id   6EK1
#
_cell.length_a   48.067
_cell.length_b   48.067
_cell.length_c   266.693
_cell.angle_alpha   90.00
_cell.angle_beta   90.00
_cell.angle_gamma   90.00
#
_symmetry.space_group_name_H-M   'P 43 21 2'
#
loop_
_entity.id
_entity.type
_entity.pdbx_description
1 polymer 'restriction endonuclease PfoI'
2 non-polymer 1,2-ETHANEDIOL
3 water water
#
_entity_poly.entity_id   1
_entity_poly.type   'polypeptide(L)'
_entity_poly.pdbx_seq_one_letter_code
;MQKYRLYEKDGSPVQDFNRFVKGWLDIEFGLKEHQPPKVFDTIRDKYNEAIEAVVLSGVAPRTAHKAALSTLTELLFGHD
LAKELSARLDIQPIGVGGFRSAHSQAFAKNVGENFVNLMVYALACILKDNDDVLVDKGLPPHLKKALTLSRECRIKDTLR
EIKIPIEGDLCVFSRSNHCNAIVISAKTRLKEVFHIGTMWALFSDVAKDEYCLNKWGLKVESSESLKDTMYVFATADMIN
KDGARSQGCDVERETPRNLIAMDASFFDYVFVSKMGIGHVSSDLSLKYGRESLFHELGCIIDMIEQKFDILL
;
_entity_poly.pdbx_strand_id   A
#
loop_
_chem_comp.id
_chem_comp.type
_chem_comp.name
_chem_comp.formula
EDO non-polymer 1,2-ETHANEDIOL 'C2 H6 O2'
#
# COMPACT_ATOMS: atom_id res chain seq x y z
N MET A 1 8.96 -26.09 8.48
CA MET A 1 9.25 -24.93 7.65
C MET A 1 10.23 -23.99 8.33
N GLN A 2 11.36 -23.72 7.66
CA GLN A 2 12.37 -22.81 8.19
C GLN A 2 11.83 -21.39 8.26
N LYS A 3 12.08 -20.72 9.38
CA LYS A 3 11.61 -19.35 9.57
C LYS A 3 12.75 -18.38 9.86
N TYR A 4 12.73 -17.23 9.20
CA TYR A 4 13.72 -16.19 9.41
C TYR A 4 13.05 -14.95 10.01
N ARG A 5 13.86 -13.94 10.29
CA ARG A 5 13.33 -12.69 10.86
C ARG A 5 13.70 -11.49 10.00
N LEU A 6 12.73 -10.61 9.76
CA LEU A 6 12.95 -9.40 8.99
C LEU A 6 13.72 -8.36 9.77
N TYR A 7 13.55 -8.38 11.09
CA TYR A 7 14.15 -7.38 11.95
C TYR A 7 14.97 -8.02 13.06
N GLU A 8 16.12 -7.43 13.36
CA GLU A 8 16.91 -7.87 14.49
C GLU A 8 16.22 -7.47 15.78
N LYS A 9 16.77 -7.90 16.92
CA LYS A 9 16.11 -7.66 18.20
C LYS A 9 16.10 -6.19 18.60
N ASP A 10 16.99 -5.40 18.00
CA ASP A 10 17.00 -3.96 18.24
C ASP A 10 15.91 -3.25 17.45
N GLY A 11 15.60 -3.80 16.27
CA GLY A 11 14.61 -3.22 15.39
C GLY A 11 15.15 -3.01 13.99
N SER A 12 16.45 -3.20 13.84
CA SER A 12 17.11 -3.01 12.55
C SER A 12 16.69 -4.09 11.57
N PRO A 13 16.39 -3.70 10.32
CA PRO A 13 15.96 -4.64 9.29
C PRO A 13 17.14 -5.42 8.69
N VAL A 14 17.02 -6.75 8.67
CA VAL A 14 18.10 -7.61 8.20
C VAL A 14 18.51 -7.27 6.76
N GLN A 15 19.80 -7.41 6.46
CA GLN A 15 20.32 -7.09 5.13
C GLN A 15 19.66 -7.96 4.05
N ASP A 16 19.45 -7.37 2.87
CA ASP A 16 18.70 -8.00 1.78
C ASP A 16 17.27 -8.29 2.26
N PHE A 17 16.66 -7.24 2.80
CA PHE A 17 15.31 -7.27 3.38
C PHE A 17 14.27 -7.72 2.37
N ASN A 18 14.24 -7.05 1.22
CA ASN A 18 13.25 -7.31 0.19
C ASN A 18 13.33 -8.74 -0.37
N ARG A 19 14.43 -9.42 -0.09
CA ARG A 19 14.59 -10.81 -0.46
C ARG A 19 13.76 -11.71 0.46
N PHE A 20 13.89 -11.48 1.75
CA PHE A 20 13.15 -12.27 2.74
C PHE A 20 11.64 -12.04 2.63
N VAL A 21 11.26 -10.82 2.27
CA VAL A 21 9.85 -10.47 2.11
C VAL A 21 9.25 -11.19 0.91
N LYS A 22 9.92 -11.11 -0.22
CA LYS A 22 9.47 -11.77 -1.44
C LYS A 22 9.43 -13.29 -1.26
N GLY A 23 10.37 -13.81 -0.48
CA GLY A 23 10.42 -15.24 -0.20
C GLY A 23 9.29 -15.70 0.68
N TRP A 24 8.87 -14.83 1.60
CA TRP A 24 7.76 -15.12 2.49
C TRP A 24 6.45 -15.21 1.72
N LEU A 25 6.27 -14.31 0.75
CA LEU A 25 5.08 -14.31 -0.08
C LEU A 25 5.17 -15.40 -1.16
N ASP A 26 6.40 -15.84 -1.45
CA ASP A 26 6.61 -16.98 -2.33
C ASP A 26 6.47 -18.29 -1.57
N ILE A 27 6.33 -18.17 -0.25
CA ILE A 27 6.30 -19.30 0.67
C ILE A 27 7.53 -20.19 0.44
N GLU A 28 8.67 -19.56 0.23
CA GLU A 28 9.94 -20.26 0.17
C GLU A 28 10.41 -20.54 1.58
N PHE A 29 9.93 -19.72 2.51
CA PHE A 29 10.19 -19.88 3.94
C PHE A 29 9.27 -18.95 4.72
N GLY A 30 8.90 -19.36 5.93
CA GLY A 30 8.10 -18.53 6.80
C GLY A 30 8.94 -17.44 7.41
N LEU A 31 8.28 -16.49 8.08
CA LEU A 31 8.97 -15.43 8.78
C LEU A 31 8.54 -15.34 10.23
N LYS A 32 9.40 -14.75 11.06
CA LYS A 32 9.07 -14.56 12.47
C LYS A 32 7.96 -13.54 12.66
N GLU A 33 8.11 -12.41 11.96
CA GLU A 33 7.19 -11.29 12.13
C GLU A 33 5.89 -11.45 11.36
N HIS A 34 5.78 -12.51 10.57
CA HIS A 34 4.61 -12.69 9.72
C HIS A 34 4.17 -14.14 9.56
N GLN A 35 2.86 -14.34 9.58
CA GLN A 35 2.27 -15.65 9.28
C GLN A 35 2.19 -15.81 7.77
N PRO A 36 2.37 -17.06 7.29
CA PRO A 36 2.27 -17.34 5.84
C PRO A 36 0.95 -16.88 5.25
N PRO A 37 0.98 -16.33 4.02
CA PRO A 37 -0.21 -15.81 3.34
C PRO A 37 -1.26 -16.90 3.10
N LYS A 38 -2.53 -16.49 3.05
CA LYS A 38 -3.62 -17.43 2.87
C LYS A 38 -4.22 -17.34 1.47
N VAL A 39 -4.42 -18.51 0.84
CA VAL A 39 -4.94 -18.65 -0.53
C VAL A 39 -4.37 -17.57 -1.47
N PHE A 40 -3.09 -17.30 -1.30
CA PHE A 40 -2.40 -16.26 -2.07
C PHE A 40 -1.58 -16.89 -3.20
N ASP A 41 -1.37 -18.20 -3.11
CA ASP A 41 -0.56 -18.94 -4.06
C ASP A 41 -1.02 -18.78 -5.51
N THR A 42 -2.31 -18.93 -5.74
CA THR A 42 -2.87 -18.86 -7.10
C THR A 42 -2.71 -17.48 -7.70
N ILE A 43 -3.15 -16.46 -6.96
CA ILE A 43 -3.17 -15.09 -7.49
C ILE A 43 -1.76 -14.51 -7.60
N ARG A 44 -0.83 -15.04 -6.80
CA ARG A 44 0.56 -14.60 -6.87
C ARG A 44 1.20 -15.10 -8.16
N ASP A 45 0.88 -16.34 -8.53
CA ASP A 45 1.40 -16.93 -9.75
C ASP A 45 0.76 -16.28 -10.98
N LYS A 46 -0.52 -15.95 -10.87
CA LYS A 46 -1.24 -15.32 -11.97
C LYS A 46 -0.71 -13.90 -12.21
N TYR A 47 -0.19 -13.28 -11.16
CA TYR A 47 0.42 -11.97 -11.28
C TYR A 47 1.74 -12.07 -12.04
N ASN A 48 2.60 -12.98 -11.58
CA ASN A 48 3.92 -13.16 -12.19
C ASN A 48 3.85 -13.61 -13.64
N GLU A 49 2.90 -14.49 -13.96
CA GLU A 49 2.72 -14.98 -15.33
C GLU A 49 2.35 -13.82 -16.26
N ALA A 50 1.68 -12.82 -15.73
CA ALA A 50 1.31 -11.63 -16.51
C ALA A 50 2.53 -10.73 -16.72
N ILE A 51 3.36 -10.62 -15.70
CA ILE A 51 4.58 -9.82 -15.79
C ILE A 51 5.58 -10.47 -16.74
N GLU A 52 5.70 -11.79 -16.64
CA GLU A 52 6.57 -12.56 -17.53
C GLU A 52 6.15 -12.41 -18.97
N ALA A 53 4.83 -12.45 -19.21
CA ALA A 53 4.29 -12.38 -20.57
C ALA A 53 4.53 -11.00 -21.19
N VAL A 54 4.32 -9.96 -20.40
CA VAL A 54 4.49 -8.59 -20.89
C VAL A 54 5.95 -8.24 -21.12
N VAL A 55 6.80 -8.60 -20.16
CA VAL A 55 8.23 -8.31 -20.24
C VAL A 55 8.89 -8.98 -21.45
N LEU A 56 8.49 -10.22 -21.72
CA LEU A 56 9.03 -10.97 -22.86
C LEU A 56 8.57 -10.39 -24.20
N SER A 57 7.77 -9.33 -24.14
CA SER A 57 7.30 -8.64 -25.34
C SER A 57 8.06 -7.33 -25.55
N GLY A 58 9.25 -7.26 -24.98
CA GLY A 58 10.11 -6.09 -25.13
C GLY A 58 9.82 -4.98 -24.14
N VAL A 59 8.76 -5.14 -23.36
CA VAL A 59 8.36 -4.12 -22.40
C VAL A 59 9.21 -4.17 -21.14
N ALA A 60 9.65 -3.00 -20.68
CA ALA A 60 10.49 -2.90 -19.49
C ALA A 60 9.76 -3.37 -18.24
N PRO A 61 10.49 -4.02 -17.31
CA PRO A 61 9.93 -4.52 -16.05
C PRO A 61 9.21 -3.45 -15.24
N ARG A 62 9.77 -2.25 -15.19
CA ARG A 62 9.15 -1.13 -14.47
C ARG A 62 7.80 -0.80 -15.08
N THR A 63 7.74 -0.82 -16.41
CA THR A 63 6.51 -0.53 -17.15
C THR A 63 5.44 -1.57 -16.85
N ALA A 64 5.87 -2.81 -16.62
CA ALA A 64 4.94 -3.91 -16.35
C ALA A 64 4.33 -3.79 -14.96
N HIS A 65 5.17 -3.65 -13.95
CA HIS A 65 4.72 -3.55 -12.56
C HIS A 65 3.81 -2.34 -12.36
N LYS A 66 4.18 -1.22 -12.97
CA LYS A 66 3.39 0.01 -12.85
C LYS A 66 2.01 -0.14 -13.51
N ALA A 67 1.96 -0.90 -14.60
CA ALA A 67 0.70 -1.13 -15.30
C ALA A 67 -0.16 -2.16 -14.56
N ALA A 68 0.51 -3.15 -13.98
CA ALA A 68 -0.20 -4.19 -13.23
C ALA A 68 -0.79 -3.63 -11.94
N LEU A 69 -0.05 -2.74 -11.30
CA LEU A 69 -0.51 -2.08 -10.08
C LEU A 69 -1.78 -1.26 -10.34
N SER A 70 -1.83 -0.64 -11.52
CA SER A 70 -2.98 0.19 -11.89
C SER A 70 -4.12 -0.66 -12.47
N THR A 71 -4.03 -1.98 -12.33
CA THR A 71 -5.03 -2.88 -12.87
C THR A 71 -5.23 -4.09 -11.95
N LEU A 72 -4.72 -3.99 -10.73
CA LEU A 72 -4.81 -5.10 -9.77
C LEU A 72 -6.25 -5.55 -9.50
N THR A 73 -7.18 -4.61 -9.62
CA THR A 73 -8.60 -4.90 -9.40
C THR A 73 -9.09 -6.02 -10.32
N GLU A 74 -8.53 -6.08 -11.51
CA GLU A 74 -8.86 -7.14 -12.46
C GLU A 74 -8.34 -8.50 -11.99
N LEU A 75 -7.11 -8.53 -11.49
CA LEU A 75 -6.50 -9.74 -10.98
C LEU A 75 -7.25 -10.26 -9.76
N LEU A 76 -7.84 -9.33 -9.01
CA LEU A 76 -8.59 -9.68 -7.81
C LEU A 76 -9.98 -10.21 -8.16
N PHE A 77 -10.45 -9.88 -9.35
CA PHE A 77 -11.72 -10.40 -9.86
C PHE A 77 -11.51 -11.72 -10.58
N GLY A 78 -10.26 -12.16 -10.67
CA GLY A 78 -9.92 -13.42 -11.30
C GLY A 78 -9.87 -13.33 -12.81
N HIS A 79 -9.93 -12.12 -13.34
CA HIS A 79 -9.88 -11.90 -14.79
C HIS A 79 -8.47 -12.13 -15.33
N ASP A 80 -8.38 -12.27 -16.65
CA ASP A 80 -7.08 -12.45 -17.30
C ASP A 80 -6.32 -11.13 -17.30
N LEU A 81 -5.37 -11.01 -16.38
CA LEU A 81 -4.61 -9.77 -16.23
C LEU A 81 -3.74 -9.45 -17.45
N ALA A 82 -3.11 -10.47 -18.02
CA ALA A 82 -2.20 -10.29 -19.14
C ALA A 82 -2.96 -9.84 -20.38
N LYS A 83 -4.20 -10.32 -20.55
CA LYS A 83 -5.06 -9.86 -21.63
C LYS A 83 -5.40 -8.38 -21.45
N GLU A 84 -5.37 -7.93 -20.20
CA GLU A 84 -5.64 -6.54 -19.86
C GLU A 84 -4.40 -5.66 -20.07
N LEU A 85 -3.27 -6.10 -19.55
CA LEU A 85 -2.02 -5.34 -19.68
C LEU A 85 -1.61 -5.18 -21.14
N SER A 86 -1.81 -6.23 -21.93
CA SER A 86 -1.45 -6.21 -23.34
C SER A 86 -2.28 -5.18 -24.11
N ALA A 87 -3.58 -5.16 -23.83
CA ALA A 87 -4.49 -4.24 -24.49
C ALA A 87 -4.12 -2.78 -24.20
N ARG A 88 -3.69 -2.53 -22.96
CA ARG A 88 -3.33 -1.18 -22.54
C ARG A 88 -1.99 -0.75 -23.10
N LEU A 89 -1.00 -1.64 -23.02
CA LEU A 89 0.35 -1.34 -23.47
C LEU A 89 0.48 -1.50 -24.99
N ASP A 90 -0.60 -1.97 -25.61
CA ASP A 90 -0.65 -2.25 -27.04
C ASP A 90 0.54 -3.09 -27.51
N ILE A 91 0.66 -4.29 -26.93
CA ILE A 91 1.60 -5.28 -27.43
C ILE A 91 0.78 -6.44 -27.98
N GLN A 92 1.45 -7.55 -28.26
CA GLN A 92 0.76 -8.73 -28.75
C GLN A 92 -0.30 -9.19 -27.77
N PRO A 93 -1.56 -9.30 -28.23
CA PRO A 93 -2.67 -9.79 -27.41
C PRO A 93 -2.35 -11.11 -26.71
N ILE A 94 -2.14 -11.04 -25.40
CA ILE A 94 -1.71 -12.17 -24.59
C ILE A 94 -2.90 -12.86 -23.91
N GLY A 95 -2.72 -14.14 -23.59
CA GLY A 95 -3.64 -14.84 -22.72
C GLY A 95 -2.86 -15.64 -21.69
N VAL A 96 -3.09 -15.38 -20.41
CA VAL A 96 -2.48 -16.18 -19.35
C VAL A 96 -3.58 -17.02 -18.71
N GLY A 97 -4.80 -16.52 -18.71
CA GLY A 97 -5.94 -17.33 -18.32
C GLY A 97 -6.99 -16.66 -17.45
N GLY A 98 -6.66 -16.47 -16.18
CA GLY A 98 -7.64 -16.12 -15.18
C GLY A 98 -7.83 -17.35 -14.32
N PHE A 99 -8.59 -17.23 -13.23
CA PHE A 99 -8.71 -18.36 -12.33
C PHE A 99 -10.08 -18.48 -11.65
N ARG A 100 -10.66 -19.67 -11.75
CA ARG A 100 -11.95 -19.99 -11.16
C ARG A 100 -11.94 -19.81 -9.64
N SER A 101 -10.77 -20.02 -9.05
CA SER A 101 -10.61 -19.95 -7.59
C SER A 101 -11.00 -18.60 -7.01
N ALA A 102 -11.10 -17.59 -7.87
CA ALA A 102 -11.52 -16.26 -7.45
C ALA A 102 -12.94 -16.29 -6.90
N HIS A 103 -13.79 -17.14 -7.48
CA HIS A 103 -15.19 -17.22 -7.08
C HIS A 103 -15.40 -18.18 -5.92
N SER A 104 -14.32 -18.55 -5.25
CA SER A 104 -14.41 -19.45 -4.10
C SER A 104 -14.58 -18.66 -2.80
N GLN A 105 -15.19 -19.31 -1.81
CA GLN A 105 -15.46 -18.66 -0.52
C GLN A 105 -14.18 -18.34 0.24
N ALA A 106 -13.18 -19.21 0.10
CA ALA A 106 -11.90 -19.02 0.78
C ALA A 106 -11.19 -17.78 0.24
N PHE A 107 -11.25 -17.60 -1.07
CA PHE A 107 -10.64 -16.44 -1.71
C PHE A 107 -11.40 -15.17 -1.37
N ALA A 108 -12.72 -15.28 -1.33
CA ALA A 108 -13.57 -14.13 -1.03
C ALA A 108 -13.43 -13.70 0.43
N LYS A 109 -12.98 -14.61 1.28
CA LYS A 109 -12.81 -14.33 2.69
C LYS A 109 -11.39 -13.82 2.99
N ASN A 110 -10.53 -13.82 1.98
CA ASN A 110 -9.16 -13.36 2.15
C ASN A 110 -8.74 -12.36 1.08
N VAL A 111 -9.69 -11.86 0.31
CA VAL A 111 -9.40 -10.91 -0.75
C VAL A 111 -8.83 -9.60 -0.20
N GLY A 112 -9.30 -9.21 0.98
CA GLY A 112 -8.84 -8.00 1.63
C GLY A 112 -7.38 -8.05 1.98
N GLU A 113 -6.94 -9.18 2.53
CA GLU A 113 -5.55 -9.36 2.88
C GLU A 113 -4.69 -9.65 1.66
N ASN A 114 -5.28 -10.29 0.65
CA ASN A 114 -4.56 -10.59 -0.58
C ASN A 114 -4.31 -9.34 -1.41
N PHE A 115 -5.21 -8.37 -1.29
CA PHE A 115 -5.02 -7.08 -1.95
C PHE A 115 -3.78 -6.40 -1.39
N VAL A 116 -3.61 -6.50 -0.07
CA VAL A 116 -2.42 -5.99 0.59
C VAL A 116 -1.20 -6.80 0.16
N ASN A 117 -1.36 -8.11 0.08
CA ASN A 117 -0.27 -9.00 -0.32
C ASN A 117 0.21 -8.73 -1.74
N LEU A 118 -0.72 -8.47 -2.65
CA LEU A 118 -0.38 -8.20 -4.04
C LEU A 118 0.49 -6.96 -4.17
N MET A 119 0.16 -5.92 -3.41
CA MET A 119 0.91 -4.67 -3.46
C MET A 119 2.30 -4.85 -2.85
N VAL A 120 2.38 -5.58 -1.75
CA VAL A 120 3.67 -5.85 -1.11
C VAL A 120 4.58 -6.65 -2.04
N TYR A 121 4.00 -7.66 -2.69
CA TYR A 121 4.75 -8.52 -3.60
C TYR A 121 5.26 -7.75 -4.80
N ALA A 122 4.36 -7.01 -5.45
CA ALA A 122 4.70 -6.20 -6.61
C ALA A 122 5.84 -5.21 -6.30
N LEU A 123 5.79 -4.63 -5.10
CA LEU A 123 6.81 -3.68 -4.68
C LEU A 123 8.11 -4.40 -4.31
N ALA A 124 7.99 -5.58 -3.71
CA ALA A 124 9.16 -6.37 -3.33
C ALA A 124 9.91 -6.83 -4.56
N CYS A 125 9.17 -7.17 -5.61
CA CYS A 125 9.77 -7.61 -6.87
C CYS A 125 10.58 -6.50 -7.53
N ILE A 126 10.04 -5.28 -7.49
CA ILE A 126 10.67 -4.15 -8.16
C ILE A 126 11.79 -3.55 -7.30
N LEU A 127 11.83 -3.94 -6.03
CA LEU A 127 12.84 -3.44 -5.11
C LEU A 127 13.85 -4.51 -4.72
N LYS A 128 13.81 -5.65 -5.41
CA LYS A 128 14.64 -6.80 -5.08
C LYS A 128 16.13 -6.51 -5.19
N ASP A 129 16.49 -5.58 -6.06
CA ASP A 129 17.88 -5.21 -6.27
C ASP A 129 18.24 -3.94 -5.53
N ASN A 130 17.41 -3.59 -4.55
CA ASN A 130 17.64 -2.40 -3.74
C ASN A 130 17.55 -2.75 -2.26
N ASP A 131 18.61 -2.46 -1.52
CA ASP A 131 18.66 -2.77 -0.10
C ASP A 131 18.67 -1.50 0.74
N ASP A 132 18.40 -0.38 0.09
CA ASP A 132 18.31 0.91 0.76
C ASP A 132 16.85 1.25 1.04
N VAL A 133 16.00 0.99 0.05
CA VAL A 133 14.56 1.23 0.18
C VAL A 133 13.84 -0.10 0.39
N LEU A 134 13.12 -0.21 1.49
CA LEU A 134 12.51 -1.48 1.87
C LEU A 134 10.99 -1.44 1.81
N VAL A 135 10.39 -2.63 1.76
CA VAL A 135 8.93 -2.74 1.78
C VAL A 135 8.52 -3.92 2.66
N ASP A 136 7.49 -3.71 3.47
CA ASP A 136 7.02 -4.75 4.39
C ASP A 136 5.53 -4.61 4.64
N LYS A 137 4.85 -5.73 4.78
CA LYS A 137 3.44 -5.73 5.16
C LYS A 137 3.31 -5.23 6.58
N GLY A 138 2.55 -4.15 6.76
CA GLY A 138 2.46 -3.49 8.05
C GLY A 138 3.63 -2.54 8.24
N LEU A 139 3.79 -2.04 9.46
CA LEU A 139 4.84 -1.06 9.73
C LEU A 139 6.05 -1.70 10.42
N PRO A 140 7.25 -1.22 10.09
CA PRO A 140 8.46 -1.64 10.82
C PRO A 140 8.38 -1.20 12.28
N PRO A 141 8.98 -1.97 13.20
CA PRO A 141 8.93 -1.74 14.65
C PRO A 141 9.23 -0.29 15.05
N HIS A 142 10.28 0.30 14.49
CA HIS A 142 10.69 1.65 14.85
C HIS A 142 9.65 2.69 14.44
N LEU A 143 8.99 2.47 13.31
CA LEU A 143 8.00 3.42 12.81
C LEU A 143 6.66 3.24 13.51
N LYS A 144 6.33 1.99 13.84
CA LYS A 144 5.08 1.68 14.54
C LYS A 144 5.04 2.34 15.91
N LYS A 145 6.21 2.48 16.53
CA LYS A 145 6.31 3.10 17.84
C LYS A 145 6.37 4.62 17.70
N ALA A 146 6.91 5.09 16.57
CA ALA A 146 7.01 6.52 16.31
C ALA A 146 5.65 7.11 15.92
N LEU A 147 4.81 6.29 15.32
CA LEU A 147 3.47 6.72 14.91
C LEU A 147 2.44 6.47 16.01
N THR A 148 2.90 6.00 17.16
CA THR A 148 2.01 5.74 18.29
C THR A 148 1.91 6.97 19.18
N LEU A 149 0.76 7.63 19.15
CA LEU A 149 0.51 8.77 20.03
C LEU A 149 0.07 8.29 21.39
N SER A 150 0.11 9.18 22.38
CA SER A 150 -0.31 8.84 23.74
C SER A 150 -1.19 9.93 24.33
N ARG A 151 -2.11 9.54 25.21
CA ARG A 151 -3.03 10.49 25.82
C ARG A 151 -3.49 10.03 27.20
N GLU A 152 -3.57 10.96 28.13
CA GLU A 152 -4.04 10.66 29.48
C GLU A 152 -5.44 11.21 29.70
N CYS A 153 -6.38 10.31 29.98
CA CYS A 153 -7.77 10.70 30.18
C CYS A 153 -8.27 10.29 31.56
N ARG A 154 -9.00 11.19 32.20
CA ARG A 154 -9.49 10.96 33.56
C ARG A 154 -10.62 9.93 33.61
N ILE A 155 -10.40 8.87 34.36
CA ILE A 155 -11.45 7.88 34.64
C ILE A 155 -11.80 7.94 36.12
N LYS A 156 -12.65 8.89 36.48
CA LYS A 156 -13.02 9.14 37.87
C LYS A 156 -11.79 9.41 38.74
N ASP A 157 -11.46 8.45 39.58
CA ASP A 157 -10.36 8.59 40.53
C ASP A 157 -8.99 8.61 39.85
N THR A 158 -8.72 7.55 39.07
CA THR A 158 -7.40 7.38 38.46
C THR A 158 -7.26 8.01 37.09
N LEU A 159 -6.13 7.75 36.44
CA LEU A 159 -5.82 8.30 35.13
C LEU A 159 -5.41 7.19 34.18
N ARG A 160 -6.02 7.15 33.00
CA ARG A 160 -5.78 6.09 32.03
C ARG A 160 -4.93 6.55 30.86
N GLU A 161 -3.76 5.95 30.70
CA GLU A 161 -2.91 6.24 29.55
C GLU A 161 -3.48 5.58 28.31
N ILE A 162 -3.85 6.39 27.33
CA ILE A 162 -4.49 5.90 26.12
C ILE A 162 -3.55 5.94 24.91
N LYS A 163 -3.39 4.79 24.27
CA LYS A 163 -2.51 4.67 23.11
C LYS A 163 -3.25 4.93 21.81
N ILE A 164 -2.64 5.72 20.93
CA ILE A 164 -3.21 6.00 19.62
C ILE A 164 -2.23 5.56 18.53
N PRO A 165 -2.30 4.27 18.15
CA PRO A 165 -1.41 3.67 17.15
C PRO A 165 -1.89 3.93 15.73
N ILE A 166 -1.33 4.95 15.08
CA ILE A 166 -1.73 5.28 13.71
C ILE A 166 -1.35 4.14 12.78
N GLU A 167 -2.37 3.51 12.19
CA GLU A 167 -2.21 2.23 11.49
C GLU A 167 -1.70 2.37 10.07
N GLY A 168 -1.30 1.22 9.51
CA GLY A 168 -0.85 1.12 8.14
C GLY A 168 -0.86 -0.33 7.72
N ASP A 169 -1.30 -0.61 6.49
CA ASP A 169 -1.41 -1.98 6.02
C ASP A 169 -0.08 -2.48 5.42
N LEU A 170 0.65 -1.57 4.78
CA LEU A 170 1.99 -1.87 4.31
C LEU A 170 2.82 -0.58 4.33
N CYS A 171 4.13 -0.72 4.18
CA CYS A 171 5.01 0.44 4.31
C CYS A 171 6.26 0.34 3.44
N VAL A 172 6.58 1.45 2.77
CA VAL A 172 7.82 1.57 2.01
C VAL A 172 8.72 2.58 2.71
N PHE A 173 9.82 2.11 3.28
CA PHE A 173 10.65 2.95 4.14
C PHE A 173 12.14 2.86 3.83
N SER A 174 12.89 3.83 4.33
CA SER A 174 14.34 3.88 4.16
C SER A 174 15.04 3.12 5.29
N ARG A 175 16.14 2.45 4.95
CA ARG A 175 16.90 1.68 5.93
C ARG A 175 17.60 2.60 6.94
N SER A 176 18.16 3.69 6.44
CA SER A 176 18.89 4.62 7.29
C SER A 176 17.95 5.54 8.07
N ASN A 177 16.66 5.50 7.73
CA ASN A 177 15.66 6.29 8.42
C ASN A 177 14.27 5.71 8.22
N HIS A 178 13.74 5.06 9.26
CA HIS A 178 12.47 4.34 9.17
C HIS A 178 11.27 5.29 9.16
N CYS A 179 11.49 6.52 9.62
CA CYS A 179 10.42 7.51 9.60
C CYS A 179 10.28 8.11 8.20
N ASN A 180 11.36 8.12 7.45
CA ASN A 180 11.32 8.49 6.04
C ASN A 180 10.61 7.39 5.26
N ALA A 181 9.29 7.35 5.38
CA ALA A 181 8.53 6.21 4.89
C ALA A 181 7.27 6.60 4.13
N ILE A 182 6.67 5.61 3.48
CA ILE A 182 5.35 5.75 2.87
C ILE A 182 4.40 4.74 3.50
N VAL A 183 3.55 5.20 4.40
CA VAL A 183 2.59 4.33 5.05
C VAL A 183 1.32 4.21 4.22
N ILE A 184 0.91 2.97 3.93
CA ILE A 184 -0.21 2.73 3.04
C ILE A 184 -1.35 1.99 3.74
N SER A 185 -2.53 2.61 3.74
CA SER A 185 -3.73 1.96 4.24
C SER A 185 -4.52 1.42 3.05
N ALA A 186 -5.00 0.19 3.16
CA ALA A 186 -5.63 -0.47 2.02
C ALA A 186 -6.95 -1.15 2.35
N LYS A 187 -7.98 -0.82 1.58
CA LYS A 187 -9.27 -1.49 1.65
C LYS A 187 -9.77 -1.74 0.23
N THR A 188 -10.43 -2.88 0.02
CA THR A 188 -10.95 -3.22 -1.30
C THR A 188 -12.03 -2.24 -1.76
N ARG A 189 -12.74 -1.67 -0.79
CA ARG A 189 -13.80 -0.70 -1.05
C ARG A 189 -13.64 0.53 -0.13
N LEU A 190 -14.35 1.61 -0.47
CA LEU A 190 -14.31 2.83 0.33
C LEU A 190 -15.53 2.94 1.23
N LYS A 191 -16.70 3.03 0.61
CA LYS A 191 -17.98 3.33 1.29
C LYS A 191 -17.85 4.36 2.42
N GLU A 192 -18.47 4.10 3.58
CA GLU A 192 -18.45 5.04 4.69
C GLU A 192 -17.30 4.76 5.65
N VAL A 193 -16.71 3.58 5.50
CA VAL A 193 -15.55 3.15 6.29
C VAL A 193 -14.36 4.07 6.01
N PHE A 194 -14.35 4.69 4.84
CA PHE A 194 -13.28 5.60 4.43
C PHE A 194 -13.07 6.72 5.46
N HIS A 195 -14.13 7.04 6.21
CA HIS A 195 -14.06 8.01 7.29
C HIS A 195 -13.05 7.59 8.37
N ILE A 196 -13.00 6.29 8.63
CA ILE A 196 -12.05 5.73 9.60
C ILE A 196 -10.62 6.06 9.20
N GLY A 197 -10.34 5.96 7.91
CA GLY A 197 -9.03 6.30 7.38
C GLY A 197 -8.74 7.78 7.55
N THR A 198 -9.76 8.61 7.35
CA THR A 198 -9.62 10.06 7.48
C THR A 198 -9.21 10.46 8.90
N MET A 199 -9.73 9.72 9.88
CA MET A 199 -9.36 9.94 11.27
C MET A 199 -7.86 9.72 11.45
N TRP A 200 -7.38 8.60 10.92
CA TRP A 200 -5.96 8.28 10.97
C TRP A 200 -5.14 9.26 10.13
N ALA A 201 -5.72 9.70 9.01
CA ALA A 201 -5.07 10.66 8.15
C ALA A 201 -4.88 12.00 8.86
N LEU A 202 -5.86 12.34 9.71
CA LEU A 202 -5.78 13.55 10.51
C LEU A 202 -4.73 13.43 11.62
N PHE A 203 -4.73 12.28 12.29
CA PHE A 203 -3.79 12.04 13.39
C PHE A 203 -2.34 12.09 12.90
N SER A 204 -2.12 11.64 11.67
CA SER A 204 -0.79 11.70 11.08
C SER A 204 -0.36 13.14 10.86
N ASP A 205 -1.31 14.00 10.49
CA ASP A 205 -1.06 15.44 10.45
C ASP A 205 -0.80 15.97 11.85
N VAL A 206 -1.67 15.60 12.78
CA VAL A 206 -1.58 16.05 14.16
C VAL A 206 -0.23 15.70 14.77
N ALA A 207 0.23 14.48 14.52
CA ALA A 207 1.48 13.99 15.10
C ALA A 207 2.70 14.76 14.62
N LYS A 208 2.56 15.49 13.53
CA LYS A 208 3.66 16.27 12.96
C LYS A 208 3.68 17.71 13.48
N ASP A 209 2.62 18.11 14.16
CA ASP A 209 2.43 19.51 14.52
C ASP A 209 2.38 19.71 16.03
N GLU A 210 3.48 20.21 16.60
CA GLU A 210 3.62 20.42 18.04
C GLU A 210 2.48 21.22 18.66
N TYR A 211 1.87 22.11 17.88
CA TYR A 211 0.69 22.84 18.36
C TYR A 211 -0.46 21.88 18.57
N CYS A 212 -0.75 21.07 17.55
CA CYS A 212 -1.85 20.11 17.61
C CYS A 212 -1.60 19.05 18.69
N LEU A 213 -0.34 18.67 18.88
CA LEU A 213 0.04 17.76 19.96
C LEU A 213 -0.42 18.31 21.30
N ASN A 214 -0.23 19.62 21.49
CA ASN A 214 -0.53 20.27 22.76
C ASN A 214 -2.02 20.56 22.94
N LYS A 215 -2.69 20.95 21.86
CA LYS A 215 -4.11 21.25 21.91
C LYS A 215 -4.93 20.06 22.39
N TRP A 216 -4.53 18.86 21.97
CA TRP A 216 -5.26 17.65 22.33
C TRP A 216 -4.52 16.81 23.37
N GLY A 217 -3.56 17.44 24.05
CA GLY A 217 -2.80 16.78 25.11
C GLY A 217 -2.20 15.47 24.68
N LEU A 218 -1.48 15.48 23.56
CA LEU A 218 -0.94 14.26 22.99
C LEU A 218 0.58 14.22 23.07
N LYS A 219 1.12 13.04 23.35
CA LYS A 219 2.57 12.86 23.43
C LYS A 219 3.05 11.90 22.33
N VAL A 220 3.98 12.37 21.52
CA VAL A 220 4.60 11.53 20.49
C VAL A 220 6.10 11.41 20.79
N GLU A 221 6.69 10.29 20.39
CA GLU A 221 8.11 10.04 20.61
C GLU A 221 8.96 11.15 20.01
N SER A 222 8.70 11.47 18.75
CA SER A 222 9.37 12.56 18.06
C SER A 222 8.54 13.09 16.90
N SER A 223 8.04 14.31 17.04
CA SER A 223 7.20 14.91 16.01
C SER A 223 8.01 15.33 14.80
N GLU A 224 9.25 15.74 15.04
CA GLU A 224 10.13 16.21 13.96
C GLU A 224 10.52 15.08 13.03
N SER A 225 10.63 13.87 13.57
CA SER A 225 11.03 12.71 12.78
C SER A 225 9.96 12.33 11.77
N LEU A 226 8.70 12.48 12.16
CA LEU A 226 7.58 12.09 11.31
C LEU A 226 7.36 13.05 10.15
N LYS A 227 8.23 14.05 10.04
CA LYS A 227 8.17 15.04 8.96
C LYS A 227 8.23 14.38 7.59
N ASP A 228 9.04 13.33 7.47
CA ASP A 228 9.22 12.65 6.18
C ASP A 228 8.27 11.46 6.04
N THR A 229 7.40 11.27 7.03
CA THR A 229 6.45 10.17 7.00
C THR A 229 5.22 10.53 6.19
N MET A 230 5.08 9.90 5.02
CA MET A 230 3.92 10.13 4.17
C MET A 230 2.82 9.12 4.47
N TYR A 231 1.56 9.58 4.42
CA TYR A 231 0.42 8.73 4.77
C TYR A 231 -0.58 8.69 3.62
N VAL A 232 -0.69 7.54 2.97
CA VAL A 232 -1.54 7.41 1.79
C VAL A 232 -2.59 6.31 1.93
N PHE A 233 -3.54 6.29 1.01
CA PHE A 233 -4.55 5.24 0.97
C PHE A 233 -4.57 4.58 -0.41
N ALA A 234 -4.75 3.27 -0.41
CA ALA A 234 -4.85 2.51 -1.67
C ALA A 234 -6.13 1.68 -1.68
N THR A 235 -6.91 1.82 -2.74
CA THR A 235 -8.17 1.09 -2.84
C THR A 235 -8.32 0.41 -4.21
N ALA A 236 -9.07 -0.67 -4.24
CA ALA A 236 -9.32 -1.40 -5.47
C ALA A 236 -10.62 -0.95 -6.11
N ASP A 237 -11.40 -0.19 -5.36
CA ASP A 237 -12.72 0.30 -5.79
C ASP A 237 -13.57 -0.87 -6.30
N MET A 238 -13.51 -1.98 -5.57
CA MET A 238 -14.14 -3.22 -5.99
C MET A 238 -15.64 -3.21 -5.73
N ILE A 239 -16.42 -3.02 -6.78
CA ILE A 239 -17.88 -2.99 -6.65
C ILE A 239 -18.56 -3.34 -7.96
N SER A 246 -26.40 -2.58 -7.13
CA SER A 246 -25.72 -1.65 -6.23
C SER A 246 -25.75 -0.23 -6.79
N GLN A 247 -25.27 0.73 -6.00
CA GLN A 247 -25.23 2.12 -6.42
C GLN A 247 -24.01 2.41 -7.28
N GLY A 248 -23.21 1.38 -7.53
CA GLY A 248 -22.02 1.51 -8.36
C GLY A 248 -20.76 1.62 -7.53
N CYS A 249 -19.74 2.28 -8.10
CA CYS A 249 -18.46 2.44 -7.43
C CYS A 249 -18.34 3.82 -6.77
N ASP A 250 -17.24 4.04 -6.08
CA ASP A 250 -16.99 5.33 -5.43
C ASP A 250 -15.90 6.11 -6.15
N VAL A 251 -14.91 5.39 -6.68
CA VAL A 251 -13.81 6.03 -7.40
C VAL A 251 -14.08 6.01 -8.90
N GLU A 252 -14.62 4.91 -9.41
CA GLU A 252 -14.90 4.79 -10.83
C GLU A 252 -16.24 5.42 -11.18
N ARG A 253 -16.23 6.74 -11.33
CA ARG A 253 -17.40 7.51 -11.74
C ARG A 253 -16.90 8.85 -12.29
N GLU A 254 -17.78 9.58 -12.96
CA GLU A 254 -17.40 10.86 -13.56
C GLU A 254 -16.78 11.79 -12.53
N THR A 255 -17.48 11.96 -11.41
CA THR A 255 -16.96 12.71 -10.28
C THR A 255 -17.32 12.00 -8.98
N PRO A 256 -16.32 11.72 -8.14
CA PRO A 256 -16.56 11.07 -6.84
C PRO A 256 -17.48 11.90 -5.96
N ARG A 257 -18.27 11.22 -5.13
N ARG A 257 -18.28 11.23 -5.14
CA ARG A 257 -19.21 11.87 -4.22
CA ARG A 257 -19.23 11.92 -4.27
C ARG A 257 -18.47 12.77 -3.23
C ARG A 257 -18.49 12.75 -3.23
N ASN A 258 -19.17 13.78 -2.71
CA ASN A 258 -18.55 14.78 -1.83
C ASN A 258 -17.83 14.20 -0.61
N LEU A 259 -18.49 13.34 0.14
CA LEU A 259 -17.89 12.75 1.33
C LEU A 259 -16.67 11.90 0.98
N ILE A 260 -16.73 11.24 -0.18
CA ILE A 260 -15.60 10.47 -0.68
C ILE A 260 -14.43 11.39 -1.02
N ALA A 261 -14.76 12.53 -1.63
CA ALA A 261 -13.75 13.52 -2.00
C ALA A 261 -13.07 14.12 -0.78
N MET A 262 -13.86 14.39 0.26
CA MET A 262 -13.31 15.02 1.46
C MET A 262 -12.42 14.05 2.21
N ASP A 263 -12.74 12.76 2.16
CA ASP A 263 -11.92 11.75 2.83
C ASP A 263 -10.57 11.61 2.17
N ALA A 264 -10.57 11.62 0.84
CA ALA A 264 -9.33 11.50 0.07
C ALA A 264 -8.46 12.73 0.22
N SER A 265 -9.10 13.88 0.45
CA SER A 265 -8.38 15.15 0.51
C SER A 265 -7.48 15.26 1.74
N PHE A 266 -7.82 14.55 2.80
CA PHE A 266 -7.05 14.63 4.04
C PHE A 266 -5.94 13.59 4.08
N PHE A 267 -5.95 12.67 3.12
CA PHE A 267 -4.79 11.81 2.88
C PHE A 267 -3.80 12.59 2.03
N ASP A 268 -2.51 12.22 2.14
CA ASP A 268 -1.49 12.84 1.31
C ASP A 268 -1.72 12.50 -0.15
N TYR A 269 -1.92 11.21 -0.40
CA TYR A 269 -2.27 10.71 -1.72
C TYR A 269 -3.27 9.58 -1.59
N VAL A 270 -4.08 9.36 -2.61
CA VAL A 270 -4.99 8.23 -2.64
C VAL A 270 -4.87 7.51 -3.97
N PHE A 271 -4.48 6.24 -3.93
CA PHE A 271 -4.24 5.46 -5.14
C PHE A 271 -5.37 4.48 -5.41
N VAL A 272 -5.64 4.24 -6.69
CA VAL A 272 -6.64 3.27 -7.09
C VAL A 272 -6.05 2.31 -8.12
N SER A 273 -6.37 1.03 -8.01
CA SER A 273 -5.85 0.03 -8.93
C SER A 273 -6.72 -0.11 -10.17
N LYS A 274 -7.21 1.02 -10.66
CA LYS A 274 -7.98 1.06 -11.90
C LYS A 274 -7.35 2.04 -12.88
N MET A 275 -7.73 1.93 -14.15
CA MET A 275 -7.14 2.75 -15.19
C MET A 275 -8.18 3.18 -16.21
N GLY A 276 -8.13 4.45 -16.60
CA GLY A 276 -9.05 4.99 -17.59
C GLY A 276 -10.11 5.90 -17.00
N ILE A 277 -10.02 6.16 -15.71
CA ILE A 277 -10.97 7.04 -15.03
C ILE A 277 -10.58 8.50 -15.24
N GLY A 278 -11.54 9.30 -15.70
CA GLY A 278 -11.29 10.67 -16.13
C GLY A 278 -10.65 11.59 -15.10
N HIS A 279 -11.14 11.56 -13.87
CA HIS A 279 -10.66 12.48 -12.84
C HIS A 279 -9.40 11.97 -12.16
N VAL A 280 -9.10 10.69 -12.34
CA VAL A 280 -7.94 10.07 -11.71
C VAL A 280 -6.66 10.40 -12.48
N SER A 281 -5.66 10.91 -11.75
CA SER A 281 -4.41 11.31 -12.36
C SER A 281 -3.48 10.14 -12.64
N SER A 282 -2.90 10.11 -13.84
CA SER A 282 -1.93 9.09 -14.20
C SER A 282 -0.51 9.63 -14.10
N ASP A 283 -0.41 10.89 -13.67
CA ASP A 283 0.88 11.54 -13.47
C ASP A 283 1.07 11.93 -12.01
N LEU A 284 2.26 11.69 -11.48
CA LEU A 284 2.56 12.04 -10.09
C LEU A 284 3.91 12.74 -10.00
N SER A 285 3.87 14.00 -9.58
CA SER A 285 5.08 14.80 -9.41
C SER A 285 5.12 15.45 -8.03
N LEU A 286 6.03 14.98 -7.18
CA LEU A 286 6.16 15.52 -5.83
C LEU A 286 6.61 16.98 -5.85
N LYS A 287 7.31 17.36 -6.93
CA LYS A 287 7.79 18.71 -7.08
C LYS A 287 6.65 19.71 -7.31
N TYR A 288 5.73 19.34 -8.19
CA TYR A 288 4.65 20.26 -8.58
C TYR A 288 3.35 20.01 -7.82
N GLY A 289 3.38 19.07 -6.88
CA GLY A 289 2.24 18.85 -6.00
C GLY A 289 1.21 17.85 -6.48
N ARG A 290 0.31 17.48 -5.57
CA ARG A 290 -0.73 16.49 -5.83
C ARG A 290 -1.65 16.92 -6.97
N GLU A 291 -1.59 16.18 -8.07
CA GLU A 291 -2.35 16.50 -9.28
C GLU A 291 -3.85 16.44 -9.06
N SER A 292 -4.31 15.38 -8.42
CA SER A 292 -5.73 15.19 -8.15
C SER A 292 -5.93 14.40 -6.87
N LEU A 293 -7.19 14.26 -6.44
CA LEU A 293 -7.49 13.52 -5.22
C LEU A 293 -7.16 12.04 -5.36
N PHE A 294 -7.37 11.50 -6.56
CA PHE A 294 -7.09 10.10 -6.82
C PHE A 294 -6.02 9.91 -7.89
N HIS A 295 -5.02 9.09 -7.58
CA HIS A 295 -4.00 8.73 -8.55
C HIS A 295 -4.11 7.24 -8.91
N GLU A 296 -3.56 6.87 -10.05
CA GLU A 296 -3.45 5.46 -10.40
C GLU A 296 -2.40 4.81 -9.49
N LEU A 297 -2.66 3.57 -9.08
CA LEU A 297 -1.78 2.89 -8.12
C LEU A 297 -0.36 2.75 -8.65
N GLY A 298 -0.23 2.66 -9.98
CA GLY A 298 1.08 2.55 -10.60
C GLY A 298 1.96 3.77 -10.36
N CYS A 299 1.33 4.91 -10.08
CA CYS A 299 2.06 6.15 -9.83
C CYS A 299 2.85 6.10 -8.52
N ILE A 300 2.59 5.08 -7.70
CA ILE A 300 3.31 4.94 -6.44
C ILE A 300 4.77 4.58 -6.70
N ILE A 301 5.03 4.03 -7.89
CA ILE A 301 6.41 3.76 -8.30
C ILE A 301 7.15 5.07 -8.48
N ASP A 302 6.51 6.01 -9.18
CA ASP A 302 7.06 7.35 -9.38
C ASP A 302 7.23 8.04 -8.03
N MET A 303 6.30 7.81 -7.13
CA MET A 303 6.36 8.40 -5.79
C MET A 303 7.54 7.85 -5.00
N ILE A 304 7.76 6.55 -5.10
CA ILE A 304 8.90 5.90 -4.43
C ILE A 304 10.21 6.41 -5.01
N GLU A 305 10.28 6.48 -6.33
CA GLU A 305 11.49 6.91 -7.03
C GLU A 305 11.90 8.34 -6.64
N GLN A 306 10.96 9.27 -6.71
CA GLN A 306 11.25 10.67 -6.42
C GLN A 306 11.57 10.91 -4.95
N LYS A 307 10.77 10.31 -4.06
CA LYS A 307 10.93 10.50 -2.63
C LYS A 307 12.26 9.96 -2.12
N PHE A 308 12.61 8.74 -2.52
CA PHE A 308 13.80 8.07 -2.01
C PHE A 308 15.02 8.26 -2.92
N ASP A 309 14.81 8.97 -4.02
CA ASP A 309 15.87 9.26 -4.98
C ASP A 309 16.52 7.99 -5.53
N ILE A 310 15.70 7.09 -6.07
CA ILE A 310 16.19 5.88 -6.70
C ILE A 310 15.50 5.67 -8.04
N LEU A 311 16.02 4.74 -8.83
CA LEU A 311 15.43 4.44 -10.14
C LEU A 311 15.14 2.95 -10.26
N LEU A 312 13.92 2.63 -10.69
CA LEU A 312 13.46 1.24 -10.77
C LEU A 312 13.36 0.76 -12.20
C1 EDO B . 0.73 13.95 6.50
O1 EDO B . 0.21 14.94 5.60
C2 EDO B . -0.26 12.80 6.59
O2 EDO B . -1.59 13.31 6.51
#